data_2YWA
#
_entry.id   2YWA
#
_cell.length_a   121.760
_cell.length_b   121.760
_cell.length_c   322.560
_cell.angle_alpha   90.00
_cell.angle_beta   90.00
_cell.angle_gamma   120.00
#
_symmetry.space_group_name_H-M   'P 61 2 2'
#
_entity_poly.entity_id   1
_entity_poly.type   'polypeptide(L)'
_entity_poly.pdbx_seq_one_letter_code
;(MSE)ASLARAVERLKAALERPKDEFIRDSAIQRFEFTFELAWKTLKTFLELQGLEARSPRAAIRGAFQVGLLPEDPFWL
E(MSE)LELRNLTNHTYDEALAERIYAELPKALERFQELLRRLEEPA
;
_entity_poly.pdbx_strand_id   A,B,C,D
#
# COMPACT_ATOMS: atom_id res chain seq x y z
N ALA A 2 -3.87 -2.28 31.71
CA ALA A 2 -2.82 -2.61 30.71
C ALA A 2 -2.44 -4.10 30.73
N SER A 3 -3.03 -4.87 29.81
CA SER A 3 -2.76 -6.31 29.70
C SER A 3 -1.74 -6.63 28.63
N LEU A 4 -0.70 -7.37 29.00
CA LEU A 4 0.31 -7.73 28.02
C LEU A 4 -0.24 -8.80 27.10
N ALA A 5 -0.88 -9.80 27.69
CA ALA A 5 -1.46 -10.89 26.94
C ALA A 5 -2.37 -10.40 25.83
N ARG A 6 -3.07 -9.30 26.08
CA ARG A 6 -3.98 -8.74 25.09
C ARG A 6 -3.25 -7.94 24.03
N ALA A 7 -2.19 -7.25 24.43
CA ALA A 7 -1.44 -6.46 23.45
C ALA A 7 -0.87 -7.42 22.44
N VAL A 8 -0.40 -8.57 22.91
CA VAL A 8 0.17 -9.54 22.01
C VAL A 8 -0.92 -10.00 21.05
N GLU A 9 -2.08 -10.32 21.60
CA GLU A 9 -3.21 -10.76 20.81
C GLU A 9 -3.50 -9.78 19.66
N ARG A 10 -3.38 -8.47 19.94
CA ARG A 10 -3.62 -7.45 18.91
C ARG A 10 -2.53 -7.40 17.85
N LEU A 11 -1.28 -7.68 18.25
CA LEU A 11 -0.17 -7.68 17.30
C LEU A 11 -0.30 -8.90 16.41
N LYS A 12 -0.45 -10.07 17.02
CA LYS A 12 -0.60 -11.31 16.27
C LYS A 12 -1.68 -11.11 15.22
N ALA A 13 -2.81 -10.56 15.65
CA ALA A 13 -3.93 -10.28 14.79
C ALA A 13 -3.51 -9.61 13.49
N ALA A 14 -2.90 -8.44 13.60
CA ALA A 14 -2.47 -7.72 12.42
C ALA A 14 -1.46 -8.48 11.57
N LEU A 15 -0.63 -9.28 12.22
CA LEU A 15 0.40 -10.03 11.54
C LEU A 15 -0.11 -11.20 10.71
N GLU A 16 -1.32 -11.68 11.00
CA GLU A 16 -1.90 -12.79 10.26
C GLU A 16 -2.65 -12.30 9.01
N ARG A 17 -3.15 -11.08 9.04
CA ARG A 17 -3.85 -10.53 7.88
C ARG A 17 -2.92 -10.50 6.67
N PRO A 18 -3.49 -10.42 5.47
CA PRO A 18 -2.76 -10.36 4.20
C PRO A 18 -2.26 -8.94 4.03
N LYS A 19 -0.94 -8.79 4.06
CA LYS A 19 -0.26 -7.51 3.97
C LYS A 19 -0.62 -6.50 2.89
N ASP A 20 -0.67 -5.24 3.31
CA ASP A 20 -0.91 -4.06 2.47
C ASP A 20 -0.37 -2.91 3.31
N GLU A 21 -0.21 -1.72 2.74
CA GLU A 21 0.35 -0.63 3.54
C GLU A 21 -0.40 -0.31 4.83
N PHE A 22 -1.72 -0.48 4.83
CA PHE A 22 -2.50 -0.20 6.04
C PHE A 22 -2.25 -1.21 7.15
N ILE A 23 -2.37 -2.49 6.85
CA ILE A 23 -2.11 -3.52 7.85
C ILE A 23 -0.66 -3.44 8.26
N ARG A 24 0.20 -3.05 7.33
CA ARG A 24 1.62 -2.94 7.63
C ARG A 24 1.78 -1.96 8.79
N ASP A 25 1.52 -0.69 8.51
CA ASP A 25 1.63 0.35 9.51
C ASP A 25 0.91 0.00 10.81
N SER A 26 -0.30 -0.51 10.74
CA SER A 26 -1.00 -0.86 11.97
C SER A 26 -0.21 -1.92 12.75
N ALA A 27 0.53 -2.77 12.05
CA ALA A 27 1.31 -3.81 12.72
C ALA A 27 2.41 -3.11 13.50
N ILE A 28 3.15 -2.27 12.79
CA ILE A 28 4.23 -1.48 13.37
C ILE A 28 3.72 -0.76 14.61
N GLN A 29 2.60 -0.06 14.45
CA GLN A 29 1.96 0.67 15.53
C GLN A 29 1.79 -0.24 16.72
N ARG A 30 1.11 -1.36 16.52
CA ARG A 30 0.87 -2.33 17.60
C ARG A 30 2.17 -2.88 18.15
N PHE A 31 3.21 -2.92 17.32
CA PHE A 31 4.50 -3.41 17.79
C PHE A 31 5.00 -2.48 18.88
N GLU A 32 4.86 -1.16 18.69
CA GLU A 32 5.34 -0.25 19.70
C GLU A 32 4.62 -0.38 21.04
N PHE A 33 3.30 -0.22 21.10
CA PHE A 33 2.69 -0.30 22.40
C PHE A 33 2.84 -1.66 23.06
N THR A 34 3.13 -2.68 22.29
CA THR A 34 3.31 -4.00 22.90
C THR A 34 4.64 -3.98 23.60
N PHE A 35 5.61 -3.35 22.96
CA PHE A 35 6.93 -3.27 23.52
C PHE A 35 6.94 -2.42 24.80
N GLU A 36 6.12 -1.38 24.84
CA GLU A 36 6.04 -0.53 26.02
C GLU A 36 5.56 -1.36 27.21
N LEU A 37 4.47 -2.11 27.03
CA LEU A 37 3.96 -2.95 28.10
C LEU A 37 4.94 -4.04 28.44
N ALA A 38 5.71 -4.47 27.45
CA ALA A 38 6.63 -5.55 27.66
C ALA A 38 7.71 -5.17 28.62
N TRP A 39 8.45 -4.10 28.30
CA TRP A 39 9.55 -3.69 29.16
C TRP A 39 9.08 -3.27 30.54
N LYS A 40 7.93 -2.59 30.62
CA LYS A 40 7.39 -2.19 31.91
C LYS A 40 7.14 -3.47 32.72
N THR A 41 6.72 -4.53 32.03
CA THR A 41 6.48 -5.80 32.69
C THR A 41 7.76 -6.24 33.33
N LEU A 42 8.82 -6.35 32.53
CA LEU A 42 10.13 -6.76 33.01
C LEU A 42 10.53 -5.91 34.22
N LYS A 43 10.32 -4.60 34.11
CA LYS A 43 10.63 -3.65 35.18
C LYS A 43 9.98 -4.13 36.47
N THR A 44 8.65 -4.06 36.52
CA THR A 44 7.92 -4.49 37.70
C THR A 44 8.44 -5.81 38.24
N PHE A 45 8.53 -6.80 37.38
CA PHE A 45 9.03 -8.09 37.82
C PHE A 45 10.38 -7.95 38.52
N LEU A 46 11.34 -7.32 37.84
CA LEU A 46 12.68 -7.12 38.40
C LEU A 46 12.66 -6.36 39.72
N GLU A 47 11.96 -5.24 39.75
CA GLU A 47 11.88 -4.43 40.97
C GLU A 47 11.31 -5.25 42.12
N LEU A 48 10.36 -6.12 41.82
CA LEU A 48 9.75 -6.97 42.83
C LEU A 48 10.85 -7.57 43.69
N GLN A 49 11.86 -8.14 43.06
CA GLN A 49 12.97 -8.73 43.78
C GLN A 49 14.21 -7.85 43.87
N GLY A 50 14.06 -6.69 44.50
CA GLY A 50 15.18 -5.77 44.69
C GLY A 50 15.75 -5.04 43.49
N LEU A 51 16.24 -5.78 42.49
CA LEU A 51 16.83 -5.19 41.29
C LEU A 51 16.09 -3.96 40.78
N GLU A 52 16.77 -3.14 39.98
CA GLU A 52 16.12 -1.96 39.45
C GLU A 52 16.45 -1.74 37.99
N ALA A 53 15.43 -1.39 37.21
CA ALA A 53 15.59 -1.13 35.79
C ALA A 53 15.03 0.27 35.57
N ARG A 54 15.90 1.18 35.14
CA ARG A 54 15.48 2.55 34.92
C ARG A 54 15.28 2.84 33.43
N SER A 55 15.48 1.83 32.60
CA SER A 55 15.32 2.00 31.16
C SER A 55 15.14 0.64 30.52
N PRO A 56 14.49 0.60 29.35
CA PRO A 56 14.26 -0.65 28.63
C PRO A 56 15.46 -1.55 28.51
N ARG A 57 16.55 -1.03 27.94
CA ARG A 57 17.75 -1.85 27.80
C ARG A 57 18.14 -2.51 29.12
N ALA A 58 18.06 -1.75 30.20
CA ALA A 58 18.41 -2.26 31.53
C ALA A 58 17.46 -3.36 31.97
N ALA A 59 16.18 -3.22 31.59
CA ALA A 59 15.17 -4.21 31.93
C ALA A 59 15.47 -5.47 31.16
N ILE A 60 15.95 -5.32 29.93
CA ILE A 60 16.30 -6.47 29.11
C ILE A 60 17.47 -7.14 29.80
N ARG A 61 18.55 -6.39 29.99
CA ARG A 61 19.76 -6.87 30.64
C ARG A 61 19.43 -7.50 31.99
N GLY A 62 18.52 -6.88 32.74
CA GLY A 62 18.14 -7.43 34.04
C GLY A 62 17.53 -8.81 33.92
N ALA A 63 16.48 -8.94 33.12
CA ALA A 63 15.79 -10.21 32.93
C ALA A 63 16.74 -11.28 32.45
N PHE A 64 17.70 -10.90 31.61
CA PHE A 64 18.68 -11.85 31.12
C PHE A 64 19.47 -12.48 32.25
N GLN A 65 20.03 -11.65 33.14
CA GLN A 65 20.81 -12.18 34.24
C GLN A 65 19.94 -12.87 35.27
N VAL A 66 18.90 -12.19 35.74
CA VAL A 66 17.99 -12.74 36.74
C VAL A 66 17.20 -13.94 36.20
N GLY A 67 17.72 -14.59 35.15
CA GLY A 67 17.04 -15.74 34.61
C GLY A 67 15.95 -15.47 33.59
N LEU A 68 14.73 -15.22 34.06
CA LEU A 68 13.55 -14.96 33.22
C LEU A 68 13.70 -15.22 31.72
N LEU A 69 14.15 -14.23 30.96
CA LEU A 69 14.31 -14.41 29.51
C LEU A 69 15.66 -15.04 29.16
N PRO A 70 15.68 -15.99 28.22
CA PRO A 70 16.93 -16.64 27.82
C PRO A 70 17.77 -15.76 26.89
N GLU A 71 19.08 -15.79 27.09
CA GLU A 71 20.04 -15.02 26.30
C GLU A 71 19.73 -14.90 24.81
N ASP A 72 19.06 -13.81 24.42
CA ASP A 72 18.71 -13.57 23.03
C ASP A 72 19.12 -12.18 22.60
N PRO A 73 20.23 -12.08 21.84
CA PRO A 73 20.69 -10.77 21.38
C PRO A 73 19.64 -10.04 20.53
N PHE A 74 18.62 -10.77 20.10
CA PHE A 74 17.58 -10.18 19.28
C PHE A 74 16.74 -9.14 20.02
N TRP A 75 16.57 -9.30 21.33
CA TRP A 75 15.78 -8.32 22.08
C TRP A 75 16.35 -6.93 21.89
N LEU A 76 17.68 -6.83 21.98
CA LEU A 76 18.34 -5.56 21.81
C LEU A 76 18.11 -5.06 20.39
N GLU A 77 17.95 -5.99 19.47
CA GLU A 77 17.72 -5.67 18.07
C GLU A 77 16.33 -5.06 17.93
N LEU A 79 14.62 -3.46 20.35
CA LEU A 79 14.72 -2.17 21.00
C LEU A 79 15.16 -1.13 19.97
N GLU A 80 16.14 -1.47 19.15
CA GLU A 80 16.66 -0.57 18.13
C GLU A 80 15.57 -0.21 17.12
N LEU A 81 14.86 -1.22 16.60
CA LEU A 81 13.80 -0.99 15.63
C LEU A 81 12.73 -0.07 16.21
N ARG A 82 12.37 -0.34 17.45
CA ARG A 82 11.35 0.43 18.15
C ARG A 82 11.60 1.92 18.18
N ASN A 83 12.86 2.34 18.09
CA ASN A 83 13.18 3.77 18.12
C ASN A 83 12.97 4.39 16.76
N LEU A 84 12.83 3.54 15.75
CA LEU A 84 12.64 4.02 14.39
C LEU A 84 11.19 4.20 13.98
N THR A 85 10.28 3.52 14.66
CA THR A 85 8.86 3.62 14.36
C THR A 85 8.42 5.03 14.00
N ASN A 86 9.02 6.04 14.63
CA ASN A 86 8.60 7.40 14.34
C ASN A 86 9.25 7.96 13.08
N HIS A 87 10.20 7.23 12.51
CA HIS A 87 10.85 7.68 11.28
C HIS A 87 10.34 6.94 10.07
N THR A 88 9.28 6.14 10.25
CA THR A 88 8.71 5.37 9.15
C THR A 88 8.04 6.20 8.08
N TYR A 89 8.29 7.51 8.06
CA TYR A 89 7.72 8.32 7.00
C TYR A 89 8.46 7.85 5.76
N ASP A 90 9.56 7.14 6.01
CA ASP A 90 10.44 6.53 5.00
C ASP A 90 9.88 5.12 4.76
N GLU A 91 9.12 4.95 3.69
CA GLU A 91 8.48 3.66 3.41
C GLU A 91 9.36 2.42 3.37
N ALA A 92 10.64 2.58 3.03
CA ALA A 92 11.54 1.43 2.97
C ALA A 92 11.81 0.95 4.40
N LEU A 93 12.02 1.91 5.30
CA LEU A 93 12.28 1.59 6.69
C LEU A 93 11.06 0.90 7.28
N ALA A 94 9.88 1.25 6.80
CA ALA A 94 8.63 0.64 7.28
C ALA A 94 8.66 -0.83 6.97
N GLU A 95 9.03 -1.15 5.74
CA GLU A 95 9.10 -2.52 5.29
C GLU A 95 10.17 -3.30 6.06
N ARG A 96 11.31 -2.65 6.25
CA ARG A 96 12.45 -3.20 6.96
C ARG A 96 12.06 -3.60 8.38
N ILE A 97 11.13 -2.86 8.96
CA ILE A 97 10.66 -3.12 10.32
C ILE A 97 9.64 -4.24 10.34
N TYR A 98 8.66 -4.16 9.45
CA TYR A 98 7.60 -5.17 9.39
C TYR A 98 8.20 -6.55 9.13
N ALA A 99 9.37 -6.57 8.51
CA ALA A 99 10.05 -7.81 8.21
C ALA A 99 10.48 -8.58 9.46
N GLU A 100 10.66 -7.89 10.58
CA GLU A 100 11.11 -8.56 11.82
C GLU A 100 10.01 -8.78 12.84
N LEU A 101 8.84 -8.16 12.64
CA LEU A 101 7.74 -8.29 13.60
C LEU A 101 7.34 -9.73 13.92
N PRO A 102 7.33 -10.62 12.91
CA PRO A 102 6.96 -12.01 13.17
C PRO A 102 7.86 -12.65 14.23
N LYS A 103 9.14 -12.29 14.22
CA LYS A 103 10.09 -12.82 15.20
C LYS A 103 9.82 -12.15 16.53
N ALA A 104 9.68 -10.82 16.50
CA ALA A 104 9.39 -10.05 17.71
C ALA A 104 8.19 -10.67 18.41
N LEU A 105 7.23 -11.14 17.62
CA LEU A 105 6.04 -11.76 18.18
C LEU A 105 6.41 -13.02 18.95
N GLU A 106 7.39 -13.76 18.43
CA GLU A 106 7.82 -15.00 19.08
C GLU A 106 8.41 -14.72 20.43
N ARG A 107 9.14 -13.62 20.52
CA ARG A 107 9.77 -13.26 21.78
C ARG A 107 8.72 -12.84 22.79
N PHE A 108 7.73 -12.08 22.37
CA PHE A 108 6.70 -11.66 23.29
C PHE A 108 5.95 -12.89 23.81
N GLN A 109 5.58 -13.79 22.90
CA GLN A 109 4.86 -14.98 23.29
C GLN A 109 5.67 -15.81 24.28
N GLU A 110 6.98 -15.69 24.18
CA GLU A 110 7.90 -16.42 25.07
C GLU A 110 7.84 -15.79 26.45
N LEU A 111 7.96 -14.46 26.51
CA LEU A 111 7.92 -13.77 27.77
C LEU A 111 6.61 -14.06 28.50
N LEU A 112 5.49 -14.08 27.76
CA LEU A 112 4.20 -14.37 28.37
C LEU A 112 4.23 -15.72 29.05
N ARG A 113 4.86 -16.69 28.39
CA ARG A 113 4.96 -18.04 28.95
C ARG A 113 5.78 -18.06 30.22
N ARG A 114 7.03 -17.62 30.10
CA ARG A 114 7.94 -17.61 31.23
C ARG A 114 7.41 -16.85 32.44
N LEU A 115 6.57 -15.85 32.22
CA LEU A 115 6.00 -15.13 33.35
C LEU A 115 4.97 -16.06 33.99
N GLU A 116 5.04 -17.34 33.62
CA GLU A 116 4.13 -18.38 34.11
C GLU A 116 2.67 -18.09 33.73
N ALA B 2 12.91 13.01 2.78
CA ALA B 2 11.49 12.74 3.19
C ALA B 2 10.61 13.95 2.87
N SER B 3 9.43 13.70 2.30
CA SER B 3 8.51 14.80 1.96
C SER B 3 7.37 14.91 2.94
N LEU B 4 7.12 16.13 3.43
CA LEU B 4 6.00 16.32 4.35
C LEU B 4 4.74 16.15 3.53
N ALA B 5 4.67 16.87 2.43
CA ALA B 5 3.53 16.78 1.54
C ALA B 5 3.14 15.32 1.27
N ARG B 6 4.12 14.44 1.10
CA ARG B 6 3.81 13.03 0.87
C ARG B 6 3.30 12.35 2.12
N ALA B 7 3.90 12.64 3.26
CA ALA B 7 3.48 12.03 4.52
C ALA B 7 2.07 12.48 4.87
N VAL B 8 1.73 13.72 4.54
CA VAL B 8 0.37 14.20 4.81
C VAL B 8 -0.59 13.39 3.95
N GLU B 9 -0.24 13.19 2.68
CA GLU B 9 -1.07 12.41 1.77
C GLU B 9 -1.31 11.00 2.29
N ARG B 10 -0.31 10.43 2.98
CA ARG B 10 -0.45 9.10 3.52
C ARG B 10 -1.46 9.07 4.65
N LEU B 11 -1.54 10.17 5.39
CA LEU B 11 -2.47 10.25 6.51
C LEU B 11 -3.87 10.41 5.95
N LYS B 12 -4.01 11.29 4.97
CA LYS B 12 -5.29 11.55 4.34
C LYS B 12 -5.87 10.25 3.84
N ALA B 13 -5.06 9.47 3.15
CA ALA B 13 -5.49 8.20 2.62
C ALA B 13 -6.08 7.33 3.72
N ALA B 14 -5.31 7.03 4.75
CA ALA B 14 -5.85 6.19 5.81
C ALA B 14 -7.12 6.79 6.40
N LEU B 15 -7.25 8.11 6.35
CA LEU B 15 -8.43 8.74 6.92
C LEU B 15 -9.66 8.64 6.04
N GLU B 16 -9.47 8.52 4.71
CA GLU B 16 -10.60 8.41 3.81
C GLU B 16 -11.20 7.00 3.83
N ARG B 17 -10.37 5.98 3.92
CA ARG B 17 -10.85 4.59 3.97
C ARG B 17 -11.84 4.34 5.11
N PRO B 18 -12.88 3.52 4.87
CA PRO B 18 -13.89 3.20 5.89
C PRO B 18 -13.17 2.61 7.10
N LYS B 19 -13.58 3.04 8.29
CA LYS B 19 -12.93 2.63 9.54
C LYS B 19 -13.10 1.22 10.05
N ASP B 20 -12.11 0.80 10.84
CA ASP B 20 -12.05 -0.50 11.51
C ASP B 20 -10.77 -0.45 12.36
N GLU B 21 -10.50 -1.47 13.17
CA GLU B 21 -9.31 -1.40 14.01
C GLU B 21 -8.02 -1.18 13.25
N PHE B 22 -7.73 -2.05 12.29
CA PHE B 22 -6.50 -1.91 11.52
C PHE B 22 -6.35 -0.53 10.89
N ILE B 23 -7.38 -0.03 10.23
CA ILE B 23 -7.26 1.30 9.67
C ILE B 23 -7.05 2.29 10.79
N ARG B 24 -7.80 2.15 11.88
CA ARG B 24 -7.65 3.06 13.00
C ARG B 24 -6.18 3.12 13.42
N ASP B 25 -5.65 1.98 13.86
CA ASP B 25 -4.27 1.94 14.28
C ASP B 25 -3.28 2.47 13.24
N SER B 26 -3.52 2.21 11.97
CA SER B 26 -2.60 2.70 10.95
C SER B 26 -2.69 4.21 10.79
N ALA B 27 -3.82 4.79 11.11
CA ALA B 27 -3.97 6.23 10.97
C ALA B 27 -3.18 6.86 12.11
N ILE B 28 -3.19 6.21 13.27
CA ILE B 28 -2.44 6.71 14.41
C ILE B 28 -0.97 6.70 14.03
N GLN B 29 -0.50 5.57 13.53
CA GLN B 29 0.91 5.43 13.13
C GLN B 29 1.34 6.39 12.03
N ARG B 30 0.43 6.77 11.15
CA ARG B 30 0.79 7.68 10.08
C ARG B 30 0.75 9.08 10.61
N PHE B 31 0.21 9.22 11.81
CA PHE B 31 0.15 10.51 12.48
C PHE B 31 1.44 10.66 13.28
N GLU B 32 1.88 9.56 13.85
CA GLU B 32 3.09 9.53 14.64
C GLU B 32 4.26 10.05 13.80
N PHE B 33 4.33 9.68 12.53
CA PHE B 33 5.44 10.13 11.69
C PHE B 33 5.17 11.37 10.90
N THR B 34 3.92 11.59 10.53
CA THR B 34 3.63 12.76 9.75
C THR B 34 3.86 13.98 10.64
N PHE B 35 3.70 13.79 11.94
CA PHE B 35 3.91 14.89 12.89
C PHE B 35 5.39 15.12 13.12
N GLU B 36 6.18 14.05 13.09
CA GLU B 36 7.63 14.15 13.27
C GLU B 36 8.24 14.93 12.13
N LEU B 37 7.72 14.73 10.92
CA LEU B 37 8.25 15.45 9.78
C LEU B 37 7.83 16.91 9.86
N ALA B 38 6.64 17.13 10.43
CA ALA B 38 6.08 18.47 10.56
C ALA B 38 6.90 19.39 11.44
N TRP B 39 7.32 18.89 12.60
CA TRP B 39 8.10 19.75 13.47
C TRP B 39 9.51 19.91 12.93
N LYS B 40 10.05 18.86 12.31
CA LYS B 40 11.39 18.97 11.74
C LYS B 40 11.38 19.93 10.55
N THR B 41 10.19 20.16 9.99
CA THR B 41 10.01 21.08 8.87
C THR B 41 9.88 22.51 9.37
N LEU B 42 9.33 22.68 10.56
CA LEU B 42 9.20 24.00 11.14
C LEU B 42 10.62 24.36 11.56
N LYS B 43 11.26 23.45 12.30
CA LYS B 43 12.62 23.68 12.76
C LYS B 43 13.46 24.19 11.59
N THR B 44 13.41 23.50 10.46
CA THR B 44 14.20 23.94 9.32
C THR B 44 13.82 25.36 8.92
N PHE B 45 12.52 25.59 8.73
CA PHE B 45 12.01 26.90 8.36
C PHE B 45 12.48 27.97 9.34
N LEU B 46 12.31 27.72 10.64
CA LEU B 46 12.75 28.68 11.65
C LEU B 46 14.25 28.94 11.48
N GLU B 47 15.04 27.88 11.35
CA GLU B 47 16.46 28.04 11.18
C GLU B 47 16.78 28.95 10.00
N LEU B 48 16.07 28.75 8.91
CA LEU B 48 16.31 29.58 7.75
C LEU B 48 15.92 31.02 8.04
N GLN B 49 14.96 31.19 8.93
CA GLN B 49 14.49 32.53 9.32
C GLN B 49 15.49 33.22 10.23
N GLY B 50 16.47 32.46 10.69
CA GLY B 50 17.48 33.02 11.56
C GLY B 50 17.11 32.92 13.03
N LEU B 51 16.29 31.92 13.35
CA LEU B 51 15.87 31.70 14.73
C LEU B 51 16.33 30.34 15.12
N GLU B 52 16.01 29.93 16.34
CA GLU B 52 16.44 28.64 16.83
C GLU B 52 15.30 27.92 17.53
N ALA B 53 15.16 26.63 17.24
CA ALA B 53 14.13 25.83 17.85
C ALA B 53 14.75 24.48 18.12
N ARG B 54 14.79 24.10 19.38
CA ARG B 54 15.40 22.83 19.76
C ARG B 54 14.40 21.70 19.90
N SER B 55 13.25 22.00 20.49
CA SER B 55 12.23 21.01 20.73
C SER B 55 10.95 21.25 19.96
N PRO B 56 10.08 20.23 19.89
CA PRO B 56 8.80 20.32 19.18
C PRO B 56 8.02 21.53 19.66
N ARG B 57 7.85 21.68 20.98
CA ARG B 57 7.10 22.83 21.49
C ARG B 57 7.76 24.15 21.11
N ALA B 58 9.06 24.25 21.34
CA ALA B 58 9.79 25.46 21.01
C ALA B 58 9.56 25.84 19.56
N ALA B 59 9.53 24.82 18.70
CA ALA B 59 9.30 24.96 17.26
C ALA B 59 7.90 25.44 16.94
N ILE B 60 6.92 24.96 17.71
CA ILE B 60 5.55 25.37 17.49
C ILE B 60 5.37 26.81 17.96
N ARG B 61 5.93 27.12 19.13
CA ARG B 61 5.86 28.46 19.67
C ARG B 61 6.56 29.40 18.71
N GLY B 62 7.68 28.95 18.15
CA GLY B 62 8.39 29.77 17.20
C GLY B 62 7.57 30.03 15.94
N ALA B 63 6.83 29.01 15.50
CA ALA B 63 6.00 29.08 14.31
C ALA B 63 4.99 30.19 14.46
N PHE B 64 4.35 30.26 15.63
CA PHE B 64 3.36 31.28 15.92
C PHE B 64 3.97 32.68 15.92
N GLN B 65 5.10 32.81 16.59
CA GLN B 65 5.81 34.09 16.68
C GLN B 65 6.17 34.69 15.32
N VAL B 66 6.88 33.95 14.48
CA VAL B 66 7.27 34.48 13.17
C VAL B 66 6.08 34.68 12.25
N GLY B 67 4.89 34.33 12.71
CA GLY B 67 3.71 34.52 11.88
C GLY B 67 3.48 33.51 10.77
N LEU B 68 4.14 32.36 10.81
CA LEU B 68 3.93 31.34 9.78
C LEU B 68 2.52 30.87 10.02
N LEU B 69 2.34 30.15 11.12
CA LEU B 69 1.03 29.64 11.50
C LEU B 69 0.28 30.65 12.35
N PRO B 70 -1.05 30.67 12.22
CA PRO B 70 -1.86 31.60 13.00
C PRO B 70 -2.02 31.00 14.41
N GLU B 71 -2.35 31.85 15.37
CA GLU B 71 -2.54 31.44 16.76
C GLU B 71 -3.56 30.31 16.85
N ASP B 72 -3.12 29.14 17.28
CA ASP B 72 -4.04 28.01 17.39
C ASP B 72 -3.57 27.09 18.50
N PRO B 73 -4.32 27.02 19.60
CA PRO B 73 -3.91 26.15 20.70
C PRO B 73 -4.03 24.65 20.40
N PHE B 74 -4.61 24.30 19.25
CA PHE B 74 -4.77 22.89 18.94
C PHE B 74 -3.42 22.23 18.63
N TRP B 75 -2.46 23.01 18.16
CA TRP B 75 -1.16 22.45 17.84
C TRP B 75 -0.50 21.85 19.07
N LEU B 76 -0.74 22.44 20.23
CA LEU B 76 -0.15 21.90 21.43
C LEU B 76 -0.88 20.62 21.82
N GLU B 77 -2.19 20.58 21.56
CA GLU B 77 -2.98 19.39 21.87
C GLU B 77 -2.46 18.21 21.05
N LEU B 79 0.67 17.78 19.92
CA LEU B 79 1.92 17.37 20.54
C LEU B 79 1.64 16.51 21.76
N GLU B 80 0.61 16.87 22.51
CA GLU B 80 0.23 16.13 23.71
C GLU B 80 -0.28 14.74 23.33
N LEU B 81 -0.88 14.67 22.16
CA LEU B 81 -1.43 13.42 21.62
C LEU B 81 -0.29 12.59 21.05
N ARG B 82 0.57 13.28 20.32
CA ARG B 82 1.72 12.65 19.69
C ARG B 82 2.54 11.88 20.70
N ASN B 83 2.58 12.36 21.93
CA ASN B 83 3.36 11.69 22.96
C ASN B 83 2.65 10.53 23.65
N LEU B 84 1.40 10.29 23.27
CA LEU B 84 0.61 9.20 23.86
C LEU B 84 0.50 7.96 22.98
N THR B 85 0.99 8.06 21.75
CA THR B 85 0.94 6.93 20.83
C THR B 85 1.39 5.64 21.49
N ASN B 86 2.43 5.71 22.30
CA ASN B 86 2.95 4.51 22.94
C ASN B 86 2.05 3.95 24.03
N HIS B 87 1.04 4.71 24.44
CA HIS B 87 0.11 4.23 25.48
C HIS B 87 -1.20 3.79 24.88
N THR B 88 -1.12 3.36 23.63
CA THR B 88 -2.27 2.89 22.90
C THR B 88 -2.66 1.46 23.22
N TYR B 89 -1.85 0.77 24.03
CA TYR B 89 -2.23 -0.58 24.40
C TYR B 89 -3.63 -0.50 24.99
N ASP B 90 -4.03 0.73 25.35
CA ASP B 90 -5.35 1.04 25.89
C ASP B 90 -6.22 1.53 24.73
N GLU B 91 -7.20 0.72 24.34
CA GLU B 91 -8.04 1.05 23.19
C GLU B 91 -8.94 2.27 23.30
N ALA B 92 -9.33 2.61 24.52
CA ALA B 92 -10.17 3.77 24.73
C ALA B 92 -9.37 5.01 24.36
N LEU B 93 -8.05 4.91 24.52
CA LEU B 93 -7.17 6.02 24.19
C LEU B 93 -7.00 6.15 22.69
N ALA B 94 -6.78 5.03 22.01
CA ALA B 94 -6.61 5.01 20.55
C ALA B 94 -7.80 5.67 19.90
N GLU B 95 -8.99 5.34 20.40
CA GLU B 95 -10.20 5.92 19.88
C GLU B 95 -10.22 7.42 20.15
N ARG B 96 -9.70 7.83 21.31
CA ARG B 96 -9.64 9.24 21.70
C ARG B 96 -8.73 9.99 20.73
N ILE B 97 -7.62 9.37 20.34
CA ILE B 97 -6.66 9.97 19.41
C ILE B 97 -7.29 10.07 18.02
N TYR B 98 -7.73 8.93 17.51
CA TYR B 98 -8.33 8.89 16.19
C TYR B 98 -9.32 10.01 15.99
N ALA B 99 -10.25 10.15 16.92
CA ALA B 99 -11.28 11.17 16.80
C ALA B 99 -10.73 12.56 16.48
N GLU B 100 -9.51 12.83 16.93
CA GLU B 100 -8.90 14.13 16.68
C GLU B 100 -8.08 14.21 15.40
N LEU B 101 -7.88 13.10 14.71
CA LEU B 101 -7.07 13.12 13.50
C LEU B 101 -7.61 13.97 12.34
N PRO B 102 -8.91 13.91 12.09
CA PRO B 102 -9.44 14.73 10.99
C PRO B 102 -9.14 16.22 11.18
N LYS B 103 -9.14 16.68 12.44
CA LYS B 103 -8.83 18.07 12.72
C LYS B 103 -7.34 18.28 12.49
N ALA B 104 -6.53 17.35 12.99
CA ALA B 104 -5.08 17.44 12.83
C ALA B 104 -4.71 17.51 11.35
N LEU B 105 -5.40 16.76 10.49
CA LEU B 105 -5.10 16.79 9.08
C LEU B 105 -5.37 18.17 8.48
N GLU B 106 -6.41 18.85 8.95
CA GLU B 106 -6.72 20.18 8.41
C GLU B 106 -5.53 21.09 8.68
N ARG B 107 -4.95 20.95 9.87
CA ARG B 107 -3.83 21.76 10.26
C ARG B 107 -2.54 21.45 9.55
N PHE B 108 -2.31 20.19 9.23
CA PHE B 108 -1.09 19.83 8.53
C PHE B 108 -1.21 20.42 7.14
N GLN B 109 -2.36 20.20 6.52
CA GLN B 109 -2.60 20.72 5.19
C GLN B 109 -2.45 22.23 5.17
N GLU B 110 -2.77 22.88 6.30
CA GLU B 110 -2.63 24.33 6.38
C GLU B 110 -1.16 24.70 6.39
N LEU B 111 -0.39 24.04 7.24
CA LEU B 111 1.04 24.29 7.35
C LEU B 111 1.67 24.16 5.96
N LEU B 112 1.34 23.07 5.27
CA LEU B 112 1.85 22.81 3.92
C LEU B 112 1.52 23.94 2.98
N ARG B 113 0.28 24.43 3.07
CA ARG B 113 -0.19 25.50 2.22
C ARG B 113 0.58 26.80 2.47
N ARG B 114 0.88 27.06 3.74
CA ARG B 114 1.60 28.28 4.13
C ARG B 114 3.09 28.29 3.82
N LEU B 115 3.71 27.11 3.79
CA LEU B 115 5.13 27.02 3.47
C LEU B 115 5.29 27.26 1.98
N GLU B 116 4.37 28.03 1.43
CA GLU B 116 4.34 28.35 0.01
C GLU B 116 4.40 29.86 -0.30
N SER C 3 -17.68 5.03 -24.75
CA SER C 3 -17.32 6.48 -24.76
C SER C 3 -15.92 6.78 -24.23
N LEU C 4 -15.05 7.32 -25.08
CA LEU C 4 -13.70 7.64 -24.65
C LEU C 4 -13.77 8.72 -23.60
N ALA C 5 -14.61 9.72 -23.84
CA ALA C 5 -14.78 10.82 -22.92
C ALA C 5 -15.04 10.38 -21.47
N ARG C 6 -15.94 9.43 -21.30
CA ARG C 6 -16.27 8.98 -19.95
C ARG C 6 -15.19 8.11 -19.35
N ALA C 7 -14.32 7.54 -20.17
CA ALA C 7 -13.23 6.71 -19.64
C ALA C 7 -12.12 7.62 -19.15
N VAL C 8 -11.74 8.59 -19.98
CA VAL C 8 -10.69 9.51 -19.60
C VAL C 8 -11.14 10.24 -18.35
N GLU C 9 -12.44 10.21 -18.07
CA GLU C 9 -12.99 10.88 -16.91
C GLU C 9 -12.75 10.04 -15.67
N ARG C 10 -12.98 8.73 -15.78
CA ARG C 10 -12.77 7.82 -14.67
C ARG C 10 -11.29 7.67 -14.36
N LEU C 11 -10.44 8.06 -15.32
CA LEU C 11 -9.01 7.97 -15.10
C LEU C 11 -8.61 9.10 -14.20
N LYS C 12 -9.04 10.31 -14.58
CA LYS C 12 -8.76 11.52 -13.82
C LYS C 12 -9.23 11.32 -12.38
N ALA C 13 -10.42 10.75 -12.23
CA ALA C 13 -11.01 10.51 -10.93
C ALA C 13 -10.08 9.74 -10.00
N ALA C 14 -9.36 8.76 -10.53
CA ALA C 14 -8.44 7.97 -9.71
C ALA C 14 -7.14 8.68 -9.43
N LEU C 15 -6.75 9.61 -10.31
CA LEU C 15 -5.51 10.32 -10.10
C LEU C 15 -5.66 11.41 -9.06
N GLU C 16 -6.89 11.83 -8.80
CA GLU C 16 -7.12 12.88 -7.80
C GLU C 16 -7.03 12.37 -6.35
N ARG C 17 -7.50 11.15 -6.09
CA ARG C 17 -7.44 10.61 -4.74
C ARG C 17 -6.00 10.56 -4.20
N PRO C 18 -5.83 10.55 -2.87
CA PRO C 18 -4.48 10.48 -2.32
C PRO C 18 -3.94 9.08 -2.57
N LYS C 19 -2.77 9.01 -3.20
CA LYS C 19 -2.20 7.72 -3.53
C LYS C 19 -1.98 6.76 -2.39
N ASP C 20 -2.33 5.51 -2.66
CA ASP C 20 -2.14 4.40 -1.76
C ASP C 20 -2.16 3.23 -2.72
N GLU C 21 -1.52 2.12 -2.37
CA GLU C 21 -1.44 0.99 -3.27
C GLU C 21 -2.70 0.56 -4.00
N PHE C 22 -3.87 0.75 -3.40
CA PHE C 22 -5.10 0.37 -4.08
C PHE C 22 -5.53 1.38 -5.12
N ILE C 23 -5.19 2.64 -4.91
CA ILE C 23 -5.53 3.67 -5.86
C ILE C 23 -4.55 3.58 -7.02
N ARG C 24 -3.29 3.31 -6.69
CA ARG C 24 -2.27 3.18 -7.72
C ARG C 24 -2.69 2.12 -8.70
N ASP C 25 -2.81 0.89 -8.20
CA ASP C 25 -3.20 -0.26 -9.01
C ASP C 25 -4.51 -0.06 -9.74
N SER C 26 -5.38 0.80 -9.23
CA SER C 26 -6.64 0.99 -9.92
C SER C 26 -6.53 2.10 -10.93
N ALA C 27 -5.43 2.84 -10.91
CA ALA C 27 -5.25 3.92 -11.86
C ALA C 27 -4.64 3.28 -13.10
N ILE C 28 -3.81 2.28 -12.84
CA ILE C 28 -3.16 1.52 -13.88
C ILE C 28 -4.26 0.83 -14.66
N GLN C 29 -5.18 0.22 -13.93
CA GLN C 29 -6.28 -0.47 -14.56
C GLN C 29 -7.14 0.44 -15.43
N ARG C 30 -7.42 1.65 -14.96
CA ARG C 30 -8.25 2.55 -15.77
C ARG C 30 -7.46 3.04 -16.95
N PHE C 31 -6.15 3.02 -16.84
CA PHE C 31 -5.31 3.45 -17.94
C PHE C 31 -5.42 2.40 -19.04
N GLU C 32 -5.28 1.13 -18.67
CA GLU C 32 -5.36 0.05 -19.63
C GLU C 32 -6.61 0.13 -20.48
N PHE C 33 -7.77 0.38 -19.87
CA PHE C 33 -8.97 0.43 -20.69
C PHE C 33 -9.21 1.77 -21.35
N THR C 34 -8.55 2.82 -20.88
CA THR C 34 -8.74 4.10 -21.54
C THR C 34 -7.92 3.99 -22.81
N PHE C 35 -6.66 3.60 -22.66
CA PHE C 35 -5.76 3.46 -23.80
C PHE C 35 -6.44 2.61 -24.86
N GLU C 36 -6.99 1.48 -24.44
CA GLU C 36 -7.69 0.58 -25.36
C GLU C 36 -8.72 1.40 -26.12
N LEU C 37 -9.76 1.82 -25.42
CA LEU C 37 -10.84 2.61 -25.98
C LEU C 37 -10.38 3.82 -26.80
N ALA C 38 -9.15 4.27 -26.59
CA ALA C 38 -8.62 5.44 -27.29
C ALA C 38 -8.03 5.14 -28.65
N TRP C 39 -7.41 3.98 -28.80
CA TRP C 39 -6.84 3.65 -30.09
C TRP C 39 -8.00 3.11 -30.95
N LYS C 40 -8.94 2.42 -30.32
CA LYS C 40 -10.11 1.93 -31.04
C LYS C 40 -10.86 3.16 -31.53
N THR C 41 -10.56 4.31 -30.98
CA THR C 41 -11.21 5.56 -31.39
C THR C 41 -10.42 6.14 -32.55
N LEU C 42 -9.10 5.97 -32.49
CA LEU C 42 -8.22 6.47 -33.52
C LEU C 42 -8.35 5.62 -34.76
N LYS C 43 -8.59 4.33 -34.57
CA LYS C 43 -8.73 3.43 -35.69
C LYS C 43 -9.96 3.88 -36.44
N THR C 44 -11.05 4.12 -35.74
CA THR C 44 -12.27 4.58 -36.38
C THR C 44 -12.01 5.86 -37.15
N PHE C 45 -11.32 6.80 -36.51
CA PHE C 45 -11.05 8.07 -37.17
C PHE C 45 -10.33 7.90 -38.49
N LEU C 46 -9.28 7.08 -38.50
CA LEU C 46 -8.52 6.84 -39.70
C LEU C 46 -9.39 6.19 -40.77
N GLU C 47 -10.14 5.16 -40.40
CA GLU C 47 -11.00 4.51 -41.38
C GLU C 47 -11.93 5.52 -42.04
N LEU C 48 -12.58 6.36 -41.25
CA LEU C 48 -13.48 7.35 -41.82
C LEU C 48 -12.72 8.24 -42.78
N GLN C 49 -11.44 8.43 -42.55
CA GLN C 49 -10.61 9.26 -43.42
C GLN C 49 -10.34 8.54 -44.73
N GLY C 50 -10.44 7.22 -44.68
CA GLY C 50 -10.20 6.43 -45.86
C GLY C 50 -8.83 5.80 -45.81
N LEU C 51 -8.35 5.54 -44.61
CA LEU C 51 -7.04 4.91 -44.43
C LEU C 51 -7.25 3.55 -43.78
N GLU C 52 -6.21 2.74 -43.79
CA GLU C 52 -6.25 1.39 -43.21
C GLU C 52 -5.35 1.50 -41.95
N ALA C 53 -5.58 0.68 -40.92
CA ALA C 53 -4.75 0.74 -39.70
C ALA C 53 -5.19 -0.31 -38.68
N ARG C 54 -4.56 -1.48 -38.70
CA ARG C 54 -4.96 -2.57 -37.81
C ARG C 54 -4.40 -2.63 -36.38
N SER C 55 -3.16 -2.22 -36.16
CA SER C 55 -2.62 -2.28 -34.80
C SER C 55 -2.47 -0.90 -34.17
N PRO C 56 -2.41 -0.85 -32.83
CA PRO C 56 -2.26 0.39 -32.07
C PRO C 56 -1.10 1.24 -32.56
N ARG C 57 0.04 0.59 -32.81
CA ARG C 57 1.20 1.33 -33.28
C ARG C 57 0.91 1.98 -34.62
N ALA C 58 0.22 1.26 -35.49
CA ALA C 58 -0.12 1.78 -36.81
C ALA C 58 -1.14 2.90 -36.73
N ALA C 59 -2.06 2.81 -35.77
CA ALA C 59 -3.08 3.83 -35.60
C ALA C 59 -2.45 5.13 -35.11
N ILE C 60 -1.45 5.01 -34.23
CA ILE C 60 -0.77 6.19 -33.71
C ILE C 60 -0.03 6.81 -34.89
N ARG C 61 0.74 5.99 -35.58
CA ARG C 61 1.50 6.43 -36.74
C ARG C 61 0.56 7.17 -37.70
N GLY C 62 -0.60 6.57 -37.94
CA GLY C 62 -1.58 7.16 -38.84
C GLY C 62 -2.09 8.47 -38.30
N ALA C 63 -2.43 8.48 -37.01
CA ALA C 63 -2.91 9.70 -36.35
C ALA C 63 -1.92 10.85 -36.46
N PHE C 64 -0.64 10.52 -36.63
CA PHE C 64 0.39 11.54 -36.78
C PHE C 64 0.42 12.03 -38.21
N GLN C 65 0.54 11.11 -39.15
CA GLN C 65 0.60 11.50 -40.55
C GLN C 65 -0.63 12.27 -41.01
N VAL C 66 -1.82 11.73 -40.79
CA VAL C 66 -3.03 12.41 -41.22
C VAL C 66 -3.11 13.80 -40.57
N GLY C 67 -2.53 13.94 -39.39
CA GLY C 67 -2.54 15.24 -38.73
C GLY C 67 -3.52 15.42 -37.58
N LEU C 68 -3.97 14.34 -36.97
CA LEU C 68 -4.90 14.46 -35.86
C LEU C 68 -4.08 15.03 -34.70
N LEU C 69 -3.18 14.20 -34.18
CA LEU C 69 -2.28 14.54 -33.08
C LEU C 69 -0.96 15.05 -33.63
N PRO C 70 -0.30 15.97 -32.91
CA PRO C 70 0.99 16.47 -33.39
C PRO C 70 2.07 15.49 -32.96
N GLU C 71 3.18 15.44 -33.71
CA GLU C 71 4.30 14.54 -33.40
C GLU C 71 4.65 14.55 -31.92
N ASP C 72 4.48 13.42 -31.25
CA ASP C 72 4.75 13.31 -29.81
C ASP C 72 5.29 11.92 -29.46
N PRO C 73 6.59 11.80 -29.23
CA PRO C 73 7.24 10.52 -28.89
C PRO C 73 6.59 9.80 -27.71
N PHE C 74 5.83 10.55 -26.92
CA PHE C 74 5.19 9.97 -25.74
C PHE C 74 4.16 8.89 -26.04
N TRP C 75 3.43 9.04 -27.14
CA TRP C 75 2.39 8.07 -27.50
C TRP C 75 2.97 6.67 -27.66
N LEU C 76 4.12 6.57 -28.31
CA LEU C 76 4.72 5.25 -28.46
C LEU C 76 5.13 4.75 -27.09
N GLU C 77 5.49 5.67 -26.21
CA GLU C 77 5.90 5.30 -24.87
C GLU C 77 4.72 4.83 -24.05
N LEU C 79 2.15 3.25 -25.36
CA LEU C 79 1.87 1.93 -25.93
C LEU C 79 2.80 0.95 -25.24
N GLU C 80 4.04 1.38 -25.05
CA GLU C 80 5.05 0.58 -24.39
C GLU C 80 4.60 0.20 -22.98
N LEU C 81 4.19 1.19 -22.20
CA LEU C 81 3.74 0.97 -20.83
C LEU C 81 2.50 0.10 -20.80
N ARG C 82 1.52 0.46 -21.62
CA ARG C 82 0.27 -0.28 -21.72
C ARG C 82 0.47 -1.78 -21.80
N ASN C 83 1.48 -2.20 -22.56
CA ASN C 83 1.74 -3.62 -22.72
C ASN C 83 2.38 -4.28 -21.52
N LEU C 84 2.97 -3.46 -20.66
CA LEU C 84 3.64 -3.97 -19.46
C LEU C 84 2.71 -4.21 -18.26
N THR C 85 1.52 -3.63 -18.27
CA THR C 85 0.59 -3.80 -17.17
C THR C 85 0.45 -5.22 -16.64
N ASN C 86 0.81 -6.22 -17.44
CA ASN C 86 0.68 -7.58 -16.95
C ASN C 86 1.91 -8.06 -16.19
N HIS C 87 2.93 -7.21 -16.12
CA HIS C 87 4.14 -7.54 -15.37
C HIS C 87 4.22 -6.72 -14.10
N THR C 88 3.09 -6.12 -13.72
CA THR C 88 3.04 -5.31 -12.54
C THR C 88 3.06 -6.12 -11.25
N TYR C 89 3.32 -7.41 -11.32
CA TYR C 89 3.42 -8.18 -10.08
C TYR C 89 4.65 -7.56 -9.41
N ASP C 90 5.53 -6.99 -10.25
CA ASP C 90 6.73 -6.30 -9.80
C ASP C 90 6.28 -4.90 -9.37
N GLU C 91 6.19 -4.68 -8.06
CA GLU C 91 5.73 -3.40 -7.54
C GLU C 91 6.53 -2.19 -8.00
N ALA C 92 7.82 -2.36 -8.26
CA ALA C 92 8.62 -1.23 -8.71
C ALA C 92 8.15 -0.76 -10.09
N LEU C 93 7.75 -1.72 -10.92
CA LEU C 93 7.27 -1.42 -12.25
C LEU C 93 5.97 -0.67 -12.12
N ALA C 94 5.08 -1.17 -11.26
CA ALA C 94 3.81 -0.51 -11.04
C ALA C 94 4.03 0.96 -10.76
N GLU C 95 4.84 1.25 -9.76
CA GLU C 95 5.14 2.63 -9.39
C GLU C 95 5.68 3.39 -10.60
N ARG C 96 6.53 2.70 -11.36
CA ARG C 96 7.15 3.26 -12.55
C ARG C 96 6.09 3.73 -13.56
N ILE C 97 5.04 2.94 -13.72
CA ILE C 97 3.95 3.27 -14.65
C ILE C 97 3.07 4.39 -14.11
N TYR C 98 2.65 4.25 -12.86
CA TYR C 98 1.78 5.25 -12.22
C TYR C 98 2.33 6.64 -12.41
N ALA C 99 3.61 6.79 -12.16
CA ALA C 99 4.28 8.08 -12.28
C ALA C 99 4.05 8.77 -13.63
N GLU C 100 3.75 7.98 -14.66
CA GLU C 100 3.54 8.52 -16.01
C GLU C 100 2.10 8.86 -16.33
N LEU C 101 1.17 8.30 -15.59
CA LEU C 101 -0.24 8.53 -15.86
C LEU C 101 -0.69 9.99 -15.97
N PRO C 102 -0.28 10.84 -15.04
CA PRO C 102 -0.73 12.23 -15.17
C PRO C 102 -0.35 12.82 -16.53
N LYS C 103 0.77 12.34 -17.09
CA LYS C 103 1.25 12.78 -18.41
C LYS C 103 0.29 12.23 -19.42
N ALA C 104 0.13 10.91 -19.38
CA ALA C 104 -0.77 10.20 -20.28
C ALA C 104 -2.14 10.84 -20.27
N LEU C 105 -2.59 11.29 -19.09
CA LEU C 105 -3.89 11.90 -19.00
C LEU C 105 -3.98 13.13 -19.87
N GLU C 106 -2.96 13.98 -19.85
CA GLU C 106 -3.00 15.18 -20.66
C GLU C 106 -3.20 14.79 -22.11
N ARG C 107 -2.51 13.73 -22.51
CA ARG C 107 -2.59 13.23 -23.88
C ARG C 107 -3.99 12.83 -24.30
N PHE C 108 -4.72 12.13 -23.42
CA PHE C 108 -6.08 11.73 -23.76
C PHE C 108 -7.00 12.95 -23.84
N GLN C 109 -6.87 13.84 -22.87
CA GLN C 109 -7.69 15.04 -22.86
C GLN C 109 -7.39 15.83 -24.12
N GLU C 110 -6.13 15.80 -24.53
CA GLU C 110 -5.69 16.48 -25.72
C GLU C 110 -6.34 15.86 -26.96
N LEU C 111 -6.49 14.54 -26.95
CA LEU C 111 -7.09 13.82 -28.07
C LEU C 111 -8.56 14.15 -28.22
N LEU C 112 -9.31 14.08 -27.12
CA LEU C 112 -10.73 14.39 -27.15
C LEU C 112 -10.89 15.80 -27.70
N ARG C 113 -10.13 16.72 -27.12
CA ARG C 113 -10.17 18.11 -27.53
C ARG C 113 -10.04 18.25 -29.05
N ARG C 114 -9.25 17.37 -29.65
CA ARG C 114 -9.02 17.42 -31.10
C ARG C 114 -10.03 16.69 -31.99
N LEU C 115 -10.81 15.79 -31.41
CA LEU C 115 -11.79 15.07 -32.21
C LEU C 115 -13.04 15.92 -32.37
N GLU C 116 -12.83 17.24 -32.33
CA GLU C 116 -13.90 18.24 -32.46
C GLU C 116 -14.83 18.24 -31.25
N ALA D 2 10.05 -13.14 -8.89
CA ALA D 2 8.58 -12.81 -8.82
C ALA D 2 7.90 -13.89 -7.98
N SER D 3 7.39 -13.51 -6.82
CA SER D 3 6.73 -14.49 -5.97
C SER D 3 5.24 -14.59 -6.24
N LEU D 4 4.80 -15.76 -6.67
CA LEU D 4 3.39 -16.01 -6.93
C LEU D 4 2.64 -15.76 -5.64
N ALA D 5 3.12 -16.42 -4.58
CA ALA D 5 2.50 -16.30 -3.27
C ALA D 5 2.24 -14.84 -2.93
N ARG D 6 3.24 -13.99 -3.12
CA ARG D 6 3.06 -12.58 -2.82
C ARG D 6 1.90 -11.99 -3.62
N ALA D 7 1.82 -12.31 -4.91
CA ALA D 7 0.73 -11.80 -5.74
C ALA D 7 -0.62 -12.31 -5.21
N VAL D 8 -0.67 -13.56 -4.80
CA VAL D 8 -1.92 -14.08 -4.28
C VAL D 8 -2.32 -13.21 -3.10
N GLU D 9 -1.33 -12.83 -2.30
CA GLU D 9 -1.54 -11.97 -1.12
C GLU D 9 -2.09 -10.62 -1.55
N ARG D 10 -1.44 -10.02 -2.54
CA ARG D 10 -1.87 -8.74 -3.05
C ARG D 10 -3.32 -8.78 -3.54
N LEU D 11 -3.73 -9.87 -4.17
CA LEU D 11 -5.11 -9.97 -4.64
C LEU D 11 -6.03 -10.18 -3.45
N LYS D 12 -5.66 -11.14 -2.61
CA LYS D 12 -6.45 -11.43 -1.42
C LYS D 12 -6.71 -10.14 -0.67
N ALA D 13 -5.67 -9.31 -0.56
CA ALA D 13 -5.76 -8.04 0.15
C ALA D 13 -6.81 -7.10 -0.45
N ALA D 14 -6.92 -7.06 -1.78
CA ALA D 14 -7.90 -6.18 -2.39
C ALA D 14 -9.31 -6.74 -2.27
N LEU D 15 -9.43 -8.01 -1.93
CA LEU D 15 -10.75 -8.59 -1.80
C LEU D 15 -11.27 -8.53 -0.37
N GLU D 16 -10.35 -8.33 0.59
CA GLU D 16 -10.70 -8.24 2.00
C GLU D 16 -11.39 -6.92 2.25
N ARG D 17 -10.92 -5.87 1.58
CA ARG D 17 -11.48 -4.53 1.74
C ARG D 17 -12.92 -4.40 1.25
N PRO D 18 -13.66 -3.39 1.75
CA PRO D 18 -15.06 -3.15 1.36
C PRO D 18 -15.12 -2.72 -0.09
N LYS D 19 -16.09 -3.25 -0.83
CA LYS D 19 -16.22 -2.89 -2.24
C LYS D 19 -16.34 -1.39 -2.39
N ASP D 20 -15.64 -0.86 -3.38
CA ASP D 20 -15.61 0.56 -3.65
C ASP D 20 -15.11 0.67 -5.09
N GLU D 21 -15.70 1.57 -5.87
CA GLU D 21 -15.34 1.72 -7.28
C GLU D 21 -13.85 1.55 -7.55
N PHE D 22 -13.00 1.99 -6.61
CA PHE D 22 -11.55 1.88 -6.76
C PHE D 22 -11.01 0.54 -6.31
N ILE D 23 -11.54 0.01 -5.22
CA ILE D 23 -11.08 -1.28 -4.74
C ILE D 23 -11.42 -2.36 -5.77
N ARG D 24 -12.53 -2.17 -6.45
CA ARG D 24 -12.97 -3.12 -7.47
C ARG D 24 -11.96 -3.14 -8.61
N ASP D 25 -11.77 -1.98 -9.24
CA ASP D 25 -10.84 -1.85 -10.35
C ASP D 25 -9.42 -2.32 -10.06
N SER D 26 -9.02 -2.30 -8.80
CA SER D 26 -7.67 -2.75 -8.48
C SER D 26 -7.66 -4.24 -8.19
N ALA D 27 -8.80 -4.78 -7.79
CA ALA D 27 -8.88 -6.21 -7.53
C ALA D 27 -8.72 -6.85 -8.90
N ILE D 28 -9.41 -6.26 -9.88
CA ILE D 28 -9.35 -6.71 -11.26
C ILE D 28 -7.91 -6.67 -11.75
N GLN D 29 -7.30 -5.49 -11.60
CA GLN D 29 -5.92 -5.26 -12.03
C GLN D 29 -4.93 -6.27 -11.43
N ARG D 30 -5.13 -6.61 -10.17
CA ARG D 30 -4.23 -7.55 -9.50
C ARG D 30 -4.45 -8.97 -9.97
N PHE D 31 -5.65 -9.28 -10.42
CA PHE D 31 -5.95 -10.61 -10.90
C PHE D 31 -5.24 -10.79 -12.24
N GLU D 32 -5.25 -9.73 -13.06
CA GLU D 32 -4.60 -9.76 -14.35
C GLU D 32 -3.17 -10.25 -14.17
N PHE D 33 -2.37 -9.54 -13.37
CA PHE D 33 -0.97 -9.93 -13.16
C PHE D 33 -0.71 -11.15 -12.30
N THR D 34 -1.65 -11.54 -11.46
CA THR D 34 -1.42 -12.73 -10.64
C THR D 34 -1.51 -13.94 -11.55
N PHE D 35 -2.57 -13.98 -12.36
CA PHE D 35 -2.83 -15.06 -13.30
C PHE D 35 -1.64 -15.18 -14.26
N GLU D 36 -1.06 -14.04 -14.61
CA GLU D 36 0.08 -14.01 -15.49
C GLU D 36 1.27 -14.71 -14.89
N LEU D 37 1.38 -14.67 -13.58
CA LEU D 37 2.48 -15.30 -12.88
C LEU D 37 2.14 -16.74 -12.55
N ALA D 38 0.85 -17.07 -12.64
CA ALA D 38 0.39 -18.42 -12.32
C ALA D 38 0.65 -19.40 -13.44
N TRP D 39 0.28 -19.06 -14.66
CA TRP D 39 0.52 -19.98 -15.76
C TRP D 39 2.00 -20.00 -16.07
N LYS D 40 2.67 -18.87 -15.89
CA LYS D 40 4.10 -18.83 -16.16
C LYS D 40 4.86 -19.75 -15.19
N THR D 41 4.26 -20.08 -14.05
CA THR D 41 4.96 -20.99 -13.14
C THR D 41 4.44 -22.39 -13.46
N LEU D 42 3.14 -22.50 -13.71
CA LEU D 42 2.55 -23.79 -14.07
C LEU D 42 3.36 -24.33 -15.25
N LYS D 43 3.88 -23.42 -16.06
CA LYS D 43 4.68 -23.76 -17.22
C LYS D 43 6.00 -24.35 -16.77
N THR D 44 6.80 -23.57 -16.05
CA THR D 44 8.09 -24.05 -15.56
C THR D 44 7.96 -25.44 -14.96
N PHE D 45 6.98 -25.62 -14.09
CA PHE D 45 6.77 -26.90 -13.46
C PHE D 45 6.57 -28.02 -14.48
N LEU D 46 5.82 -27.73 -15.53
CA LEU D 46 5.54 -28.70 -16.58
C LEU D 46 6.75 -28.99 -17.47
N GLU D 47 7.61 -27.98 -17.70
CA GLU D 47 8.78 -28.18 -18.54
C GLU D 47 9.83 -28.98 -17.76
N LEU D 48 9.46 -29.40 -16.56
CA LEU D 48 10.34 -30.20 -15.71
C LEU D 48 10.05 -31.68 -15.91
N GLN D 49 8.86 -32.02 -16.38
CA GLN D 49 8.53 -33.41 -16.65
C GLN D 49 8.78 -33.68 -18.13
N GLY D 50 9.38 -32.70 -18.80
CA GLY D 50 9.65 -32.85 -20.22
C GLY D 50 8.40 -32.64 -21.04
N LEU D 51 7.41 -31.99 -20.43
CA LEU D 51 6.15 -31.69 -21.10
C LEU D 51 6.29 -30.33 -21.77
N GLU D 52 5.28 -29.97 -22.56
CA GLU D 52 5.28 -28.69 -23.23
C GLU D 52 3.97 -27.96 -22.98
N ALA D 53 4.05 -26.65 -22.91
CA ALA D 53 2.87 -25.83 -22.68
C ALA D 53 3.26 -24.45 -23.17
N ARG D 54 2.97 -24.17 -24.43
CA ARG D 54 3.30 -22.89 -25.01
C ARG D 54 2.23 -21.84 -24.79
N SER D 55 1.15 -22.21 -24.11
CA SER D 55 0.08 -21.24 -23.87
C SER D 55 -0.64 -21.47 -22.54
N PRO D 56 -1.31 -20.41 -22.04
CA PRO D 56 -2.04 -20.51 -20.77
C PRO D 56 -2.98 -21.70 -20.74
N ARG D 57 -3.73 -21.89 -21.83
CA ARG D 57 -4.67 -23.00 -21.89
C ARG D 57 -3.95 -24.33 -21.92
N ALA D 58 -2.80 -24.36 -22.59
CA ALA D 58 -2.04 -25.60 -22.66
C ALA D 58 -1.55 -25.95 -21.26
N ALA D 59 -1.10 -24.93 -20.54
CA ALA D 59 -0.57 -25.09 -19.19
C ALA D 59 -1.62 -25.67 -18.26
N ILE D 60 -2.83 -25.11 -18.31
CA ILE D 60 -3.92 -25.57 -17.48
C ILE D 60 -4.28 -26.98 -17.90
N ARG D 61 -4.64 -27.14 -19.17
CA ARG D 61 -5.00 -28.44 -19.73
C ARG D 61 -3.85 -29.41 -19.46
N GLY D 62 -2.62 -28.89 -19.47
CA GLY D 62 -1.46 -29.73 -19.20
C GLY D 62 -1.45 -30.18 -17.75
N ALA D 63 -1.54 -29.23 -16.82
CA ALA D 63 -1.53 -29.53 -15.39
C ALA D 63 -2.66 -30.47 -14.95
N PHE D 64 -3.76 -30.52 -15.68
CA PHE D 64 -4.84 -31.42 -15.29
C PHE D 64 -4.41 -32.86 -15.53
N GLN D 65 -3.57 -33.05 -16.55
CA GLN D 65 -3.05 -34.38 -16.89
C GLN D 65 -2.02 -34.87 -15.89
N VAL D 66 -0.95 -34.10 -15.69
CA VAL D 66 0.11 -34.48 -14.76
C VAL D 66 -0.44 -34.63 -13.33
N GLY D 67 -1.73 -34.38 -13.18
CA GLY D 67 -2.39 -34.51 -11.89
C GLY D 67 -2.22 -33.40 -10.88
N LEU D 68 -1.44 -32.38 -11.22
CA LEU D 68 -1.20 -31.26 -10.30
C LEU D 68 -2.48 -30.66 -9.73
N LEU D 69 -3.36 -30.21 -10.61
CA LEU D 69 -4.62 -29.63 -10.17
C LEU D 69 -5.76 -30.54 -10.57
N PRO D 70 -6.83 -30.58 -9.77
CA PRO D 70 -7.96 -31.44 -10.13
C PRO D 70 -8.70 -30.76 -11.29
N GLU D 71 -9.31 -31.54 -12.17
CA GLU D 71 -10.02 -30.96 -13.30
C GLU D 71 -11.21 -30.12 -12.86
N ASP D 72 -11.05 -28.80 -12.98
CA ASP D 72 -12.10 -27.88 -12.59
C ASP D 72 -12.32 -27.01 -13.81
N PRO D 73 -13.51 -27.07 -14.42
CA PRO D 73 -13.82 -26.25 -15.59
C PRO D 73 -13.61 -24.77 -15.39
N PHE D 74 -13.75 -24.32 -14.14
CA PHE D 74 -13.60 -22.92 -13.83
C PHE D 74 -12.27 -22.32 -14.28
N TRP D 75 -11.20 -23.07 -14.15
CA TRP D 75 -9.89 -22.55 -14.55
C TRP D 75 -9.96 -22.00 -15.97
N LEU D 76 -10.82 -22.58 -16.79
CA LEU D 76 -10.94 -22.15 -18.17
C LEU D 76 -11.82 -20.93 -18.31
N GLU D 77 -12.76 -20.75 -17.38
CA GLU D 77 -13.63 -19.58 -17.44
C GLU D 77 -12.85 -18.37 -16.97
N LEU D 79 -9.45 -17.69 -17.55
CA LEU D 79 -8.67 -17.11 -18.62
C LEU D 79 -9.58 -16.53 -19.68
N GLU D 80 -10.88 -16.80 -19.54
CA GLU D 80 -11.85 -16.23 -20.48
C GLU D 80 -12.19 -14.84 -19.95
N LEU D 81 -12.08 -14.68 -18.64
CA LEU D 81 -12.34 -13.39 -17.99
C LEU D 81 -11.08 -12.54 -18.08
N ARG D 82 -9.93 -13.19 -18.04
CA ARG D 82 -8.66 -12.51 -18.12
C ARG D 82 -8.58 -11.71 -19.40
N ASN D 83 -9.26 -12.20 -20.42
CA ASN D 83 -9.24 -11.52 -21.71
C ASN D 83 -10.04 -10.25 -21.73
N LEU D 84 -11.04 -10.16 -20.85
CA LEU D 84 -11.90 -9.00 -20.80
C LEU D 84 -11.34 -7.83 -20.03
N THR D 85 -10.46 -8.09 -19.07
CA THR D 85 -9.88 -7.02 -18.26
C THR D 85 -9.73 -5.70 -18.99
N ASN D 86 -9.19 -5.71 -20.20
CA ASN D 86 -9.01 -4.46 -20.93
C ASN D 86 -10.25 -3.87 -21.55
N HIS D 87 -11.40 -4.50 -21.35
CA HIS D 87 -12.65 -3.97 -21.88
C HIS D 87 -13.57 -3.56 -20.75
N THR D 88 -13.01 -3.42 -19.55
CA THR D 88 -13.80 -3.05 -18.40
C THR D 88 -14.21 -1.59 -18.39
N TYR D 89 -14.05 -0.90 -19.51
CA TYR D 89 -14.50 0.48 -19.56
C TYR D 89 -16.01 0.39 -19.44
N ASP D 90 -16.55 -0.79 -19.77
CA ASP D 90 -17.99 -1.07 -19.69
C ASP D 90 -18.22 -1.59 -18.28
N GLU D 91 -18.75 -0.73 -17.42
CA GLU D 91 -18.96 -1.09 -16.03
C GLU D 91 -19.71 -2.38 -15.71
N ALA D 92 -20.63 -2.78 -16.59
CA ALA D 92 -21.39 -4.00 -16.38
C ALA D 92 -20.40 -5.17 -16.36
N LEU D 93 -19.47 -5.11 -17.30
CA LEU D 93 -18.47 -6.14 -17.44
C LEU D 93 -17.56 -6.19 -16.23
N ALA D 94 -17.09 -5.02 -15.82
CA ALA D 94 -16.21 -4.91 -14.66
C ALA D 94 -16.80 -5.60 -13.43
N GLU D 95 -18.08 -5.37 -13.19
CA GLU D 95 -18.77 -5.96 -12.05
C GLU D 95 -18.91 -7.47 -12.25
N ARG D 96 -19.12 -7.87 -13.51
CA ARG D 96 -19.26 -9.27 -13.85
C ARG D 96 -18.00 -10.04 -13.45
N ILE D 97 -16.85 -9.41 -13.64
CA ILE D 97 -15.56 -10.01 -13.32
C ILE D 97 -15.27 -10.01 -11.84
N TYR D 98 -15.35 -8.83 -11.23
CA TYR D 98 -15.06 -8.69 -9.81
C TYR D 98 -15.81 -9.73 -9.01
N ALA D 99 -17.00 -10.05 -9.49
CA ALA D 99 -17.85 -11.02 -8.85
C ALA D 99 -17.31 -12.44 -8.85
N GLU D 100 -16.28 -12.71 -9.65
CA GLU D 100 -15.71 -14.05 -9.75
C GLU D 100 -14.39 -14.20 -9.05
N LEU D 101 -13.67 -13.09 -8.96
CA LEU D 101 -12.35 -13.07 -8.32
C LEU D 101 -12.26 -13.84 -7.01
N PRO D 102 -13.25 -13.71 -6.13
CA PRO D 102 -13.19 -14.45 -4.86
C PRO D 102 -13.04 -15.93 -5.14
N LYS D 103 -13.79 -16.39 -6.14
CA LYS D 103 -13.78 -17.79 -6.55
C LYS D 103 -12.41 -18.10 -7.15
N ALA D 104 -11.88 -17.16 -7.93
CA ALA D 104 -10.58 -17.31 -8.56
C ALA D 104 -9.46 -17.35 -7.54
N LEU D 105 -9.61 -16.63 -6.45
CA LEU D 105 -8.57 -16.61 -5.43
C LEU D 105 -8.47 -17.99 -4.84
N GLU D 106 -9.62 -18.63 -4.64
CA GLU D 106 -9.67 -19.95 -4.05
C GLU D 106 -8.76 -20.93 -4.79
N ARG D 107 -8.72 -20.81 -6.10
CA ARG D 107 -7.92 -21.74 -6.90
C ARG D 107 -6.46 -21.36 -7.07
N PHE D 108 -6.14 -20.10 -6.88
CA PHE D 108 -4.74 -19.66 -6.95
C PHE D 108 -4.11 -20.12 -5.64
N GLN D 109 -4.90 -20.07 -4.56
CA GLN D 109 -4.42 -20.49 -3.26
C GLN D 109 -4.28 -21.99 -3.31
N GLU D 110 -5.08 -22.60 -4.18
CA GLU D 110 -5.08 -24.05 -4.36
C GLU D 110 -3.81 -24.46 -5.08
N LEU D 111 -3.50 -23.79 -6.18
CA LEU D 111 -2.30 -24.08 -6.94
C LEU D 111 -1.08 -23.97 -6.02
N LEU D 112 -1.00 -22.85 -5.31
CA LEU D 112 0.10 -22.58 -4.40
C LEU D 112 0.37 -23.68 -3.38
N ARG D 113 -0.68 -24.38 -2.97
CA ARG D 113 -0.53 -25.45 -2.00
C ARG D 113 -0.06 -26.72 -2.70
N ARG D 114 -0.68 -27.02 -3.84
CA ARG D 114 -0.33 -28.20 -4.61
C ARG D 114 1.14 -28.17 -5.02
N LEU D 115 1.64 -26.98 -5.33
CA LEU D 115 3.03 -26.83 -5.72
C LEU D 115 3.97 -27.31 -4.63
N GLU D 116 3.39 -27.68 -3.49
CA GLU D 116 4.17 -28.16 -2.35
C GLU D 116 4.03 -29.64 -2.03
#